data_5BUU
#
_entry.id   5BUU
#
_cell.length_a   99.209
_cell.length_b   122.270
_cell.length_c   47.652
_cell.angle_alpha   90.000
_cell.angle_beta   90.000
_cell.angle_gamma   90.000
#
_symmetry.space_group_name_H-M   'P 21 21 2'
#
loop_
_entity.id
_entity.type
_entity.pdbx_description
1 polymer 'Glutamate receptor 2,Glutamate receptor 2'
2 non-polymer '(3R)-7-chloro-2,3,4-trimethyl-3,4-dihydro-2H-1,2,4-benzothiadiazine 1,1-dioxide'
3 non-polymer 'GLUTAMIC ACID'
4 non-polymer 'SULFATE ION'
5 non-polymer 1,2-ETHANEDIOL
6 water water
#
_entity_poly.entity_id   1
_entity_poly.type   'polypeptide(L)'
_entity_poly.pdbx_seq_one_letter_code
;GANKTVVVTTILESPYVMMKKNHEMLEGNERYEGYCVDLAAEIAKHCGFKYKLTIVGDGKYGARDADTKIWNGMVGELVY
GKADIAIAPLTITYVREEVIDFSKPFMSLGISIMIKKGTPIESAEDLSKQTEIAYGTLDSGSTKEFFRRSKIAVFDKMWT
YMRSAEPSVFVRTTAEGVARVRKSKGKYAYLLESTMNEYIEQRKPCDTMKVGGNLDSKGYGIATPKGSSLGNAVNLAVLK
LSEQGLLDKLKNKWWYDKGECGS
;
_entity_poly.pdbx_strand_id   A,B
#
loop_
_chem_comp.id
_chem_comp.type
_chem_comp.name
_chem_comp.formula
4V6 non-polymer '(3R)-7-chloro-2,3,4-trimethyl-3,4-dihydro-2H-1,2,4-benzothiadiazine 1,1-dioxide' 'C10 H13 Cl N2 O2 S'
EDO non-polymer 1,2-ETHANEDIOL 'C2 H6 O2'
SO4 non-polymer 'SULFATE ION' 'O4 S -2'
#
# COMPACT_ATOMS: atom_id res chain seq x y z
N ASN A 3 3.89 -1.16 33.82
CA ASN A 3 3.56 -0.59 32.53
C ASN A 3 3.23 0.90 32.61
N LYS A 4 3.55 1.63 31.55
CA LYS A 4 3.53 3.08 31.57
C LYS A 4 2.62 3.67 30.49
N THR A 5 2.14 4.89 30.72
CA THR A 5 1.34 5.59 29.72
C THR A 5 2.17 5.92 28.48
N VAL A 6 1.69 5.49 27.32
CA VAL A 6 2.42 5.65 26.07
C VAL A 6 2.21 7.03 25.44
N VAL A 7 3.29 7.74 25.19
CA VAL A 7 3.18 9.05 24.57
C VAL A 7 3.05 8.95 23.05
N VAL A 8 1.90 9.41 22.54
CA VAL A 8 1.65 9.39 21.10
C VAL A 8 1.84 10.79 20.52
N THR A 9 2.79 10.94 19.61
CA THR A 9 2.93 12.20 18.89
C THR A 9 2.08 12.15 17.61
N THR A 10 1.39 13.26 17.33
CA THR A 10 0.56 13.36 16.15
C THR A 10 0.48 14.82 15.71
N ILE A 11 -0.34 15.10 14.70
CA ILE A 11 -0.37 16.43 14.11
C ILE A 11 -1.80 16.87 13.75
N LEU A 12 -2.09 18.15 13.99
CA LEU A 12 -3.40 18.70 13.65
C LEU A 12 -3.57 18.79 12.14
N GLU A 13 -4.10 17.71 11.57
CA GLU A 13 -4.32 17.64 10.14
C GLU A 13 -5.68 17.00 9.88
N SER A 14 -6.60 17.76 9.30
CA SER A 14 -7.92 17.26 9.01
C SER A 14 -7.89 16.28 7.84
N PRO A 15 -8.67 15.19 7.93
CA PRO A 15 -9.54 14.85 9.06
C PRO A 15 -8.90 13.86 10.02
N TYR A 16 -7.58 13.81 10.05
CA TYR A 16 -6.88 12.85 10.88
C TYR A 16 -6.94 13.22 12.36
N VAL A 17 -6.53 14.44 12.69
CA VAL A 17 -6.68 14.95 14.04
C VAL A 17 -7.27 16.36 14.00
N MET A 18 -8.44 16.52 14.59
CA MET A 18 -9.14 17.80 14.61
C MET A 18 -9.58 18.16 16.02
N MET A 19 -9.73 19.45 16.29
CA MET A 19 -10.23 19.91 17.58
C MET A 19 -11.74 19.70 17.62
N LYS A 20 -12.21 19.01 18.66
CA LYS A 20 -13.65 18.85 18.88
C LYS A 20 -14.27 20.24 19.07
N LYS A 21 -15.55 20.35 18.78
CA LYS A 21 -16.24 21.63 18.86
C LYS A 21 -16.21 22.25 20.26
N ASN A 22 -16.22 21.41 21.29
CA ASN A 22 -16.18 21.89 22.66
C ASN A 22 -14.84 21.63 23.36
N HIS A 23 -13.76 21.67 22.58
CA HIS A 23 -12.42 21.32 23.06
C HIS A 23 -11.95 22.18 24.24
N GLU A 24 -12.37 23.44 24.27
CA GLU A 24 -11.93 24.38 25.30
C GLU A 24 -12.40 24.00 26.71
N MET A 25 -13.44 23.17 26.79
CA MET A 25 -13.86 22.64 28.08
C MET A 25 -13.67 21.13 28.16
N LEU A 26 -12.68 20.64 27.43
CA LEU A 26 -12.32 19.23 27.46
C LEU A 26 -10.82 19.09 27.76
N GLU A 27 -10.41 17.90 28.17
CA GLU A 27 -9.02 17.67 28.55
C GLU A 27 -8.49 16.33 28.06
N GLY A 28 -7.17 16.23 27.97
CA GLY A 28 -6.51 15.03 27.52
C GLY A 28 -6.88 14.68 26.09
N ASN A 29 -7.03 13.37 25.83
CA ASN A 29 -7.36 12.87 24.50
C ASN A 29 -8.74 13.30 24.03
N GLU A 30 -9.57 13.77 24.96
CA GLU A 30 -10.95 14.13 24.64
C GLU A 30 -11.07 15.46 23.89
N ARG A 31 -9.96 16.17 23.77
CA ARG A 31 -9.95 17.42 23.02
C ARG A 31 -9.98 17.14 21.52
N TYR A 32 -9.64 15.91 21.15
CA TYR A 32 -9.41 15.61 19.74
C TYR A 32 -10.39 14.59 19.16
N GLU A 33 -10.54 14.64 17.84
CA GLU A 33 -11.33 13.68 17.10
C GLU A 33 -10.76 13.54 15.69
N GLY A 34 -11.10 12.44 15.02
CA GLY A 34 -10.62 12.22 13.66
C GLY A 34 -10.19 10.79 13.37
N TYR A 35 -9.74 10.56 12.15
CA TYR A 35 -9.32 9.24 11.70
C TYR A 35 -8.23 8.64 12.58
N CYS A 36 -7.17 9.41 12.81
CA CYS A 36 -6.03 8.93 13.58
C CYS A 36 -6.33 8.81 15.07
N VAL A 37 -7.31 9.58 15.55
CA VAL A 37 -7.73 9.48 16.94
C VAL A 37 -8.44 8.17 17.18
N ASP A 38 -9.32 7.80 16.25
CA ASP A 38 -10.04 6.53 16.31
C ASP A 38 -9.07 5.37 16.14
N LEU A 39 -8.11 5.54 15.22
CA LEU A 39 -7.12 4.52 14.96
C LEU A 39 -6.27 4.27 16.21
N ALA A 40 -5.89 5.35 16.89
CA ALA A 40 -5.09 5.24 18.10
C ALA A 40 -5.82 4.46 19.18
N ALA A 41 -7.13 4.64 19.25
CA ALA A 41 -7.96 3.95 20.22
C ALA A 41 -8.02 2.46 19.93
N GLU A 42 -8.19 2.13 18.65
CA GLU A 42 -8.24 0.74 18.21
C GLU A 42 -6.91 0.03 18.47
N ILE A 43 -5.81 0.65 18.06
CA ILE A 43 -4.48 0.10 18.25
CA ILE A 43 -4.49 0.08 18.24
C ILE A 43 -4.17 -0.15 19.72
N ALA A 44 -4.42 0.86 20.54
CA ALA A 44 -4.15 0.77 21.97
C ALA A 44 -4.95 -0.34 22.65
N LYS A 45 -6.18 -0.53 22.19
CA LYS A 45 -7.04 -1.56 22.75
C LYS A 45 -6.46 -2.95 22.52
N HIS A 46 -6.00 -3.20 21.30
CA HIS A 46 -5.44 -4.50 20.94
CA HIS A 46 -5.45 -4.50 20.94
C HIS A 46 -4.11 -4.78 21.64
N CYS A 47 -3.22 -3.79 21.61
CA CYS A 47 -1.91 -3.95 22.23
C CYS A 47 -1.97 -3.78 23.74
N GLY A 48 -3.14 -3.42 24.24
CA GLY A 48 -3.38 -3.30 25.67
C GLY A 48 -2.52 -2.26 26.37
N PHE A 49 -2.54 -1.04 25.87
CA PHE A 49 -1.82 0.04 26.55
C PHE A 49 -2.66 1.31 26.66
N LYS A 50 -2.30 2.14 27.64
CA LYS A 50 -2.90 3.45 27.79
C LYS A 50 -1.98 4.48 27.16
N TYR A 51 -2.55 5.54 26.65
CA TYR A 51 -1.78 6.49 25.86
C TYR A 51 -2.23 7.93 26.05
N LYS A 52 -1.36 8.86 25.69
CA LYS A 52 -1.68 10.28 25.74
C LYS A 52 -1.33 10.94 24.41
N LEU A 53 -2.35 11.49 23.75
CA LEU A 53 -2.17 12.15 22.46
C LEU A 53 -1.50 13.50 22.67
N THR A 54 -0.46 13.76 21.89
CA THR A 54 0.29 15.01 22.00
C THR A 54 0.55 15.60 20.62
N ILE A 55 0.07 16.81 20.39
CA ILE A 55 0.33 17.49 19.13
C ILE A 55 1.79 17.91 19.07
N VAL A 56 2.48 17.52 17.99
CA VAL A 56 3.89 17.82 17.81
C VAL A 56 4.16 19.33 17.89
N GLY A 57 5.16 19.69 18.67
CA GLY A 57 5.46 21.08 18.99
C GLY A 57 5.59 22.02 17.80
N ASP A 58 6.38 21.61 16.80
CA ASP A 58 6.68 22.47 15.68
C ASP A 58 5.68 22.35 14.51
N GLY A 59 4.72 21.44 14.67
CA GLY A 59 3.67 21.26 13.68
C GLY A 59 4.18 20.74 12.34
N LYS A 60 5.27 19.99 12.39
CA LYS A 60 5.89 19.46 11.19
C LYS A 60 5.84 17.94 11.15
N TYR A 61 5.93 17.37 9.96
CA TYR A 61 5.93 15.93 9.80
C TYR A 61 7.31 15.35 10.09
N GLY A 62 8.33 15.93 9.48
CA GLY A 62 9.70 15.52 9.78
C GLY A 62 10.67 15.55 8.61
N ALA A 63 11.72 16.36 8.77
CA ALA A 63 12.81 16.40 7.81
C ALA A 63 14.14 16.55 8.55
N ARG A 64 15.23 16.23 7.87
CA ARG A 64 16.56 16.29 8.48
C ARG A 64 17.32 17.49 7.95
N ASP A 65 17.69 18.39 8.85
CA ASP A 65 18.47 19.58 8.50
C ASP A 65 19.78 19.12 7.85
N ALA A 66 20.07 19.66 6.68
CA ALA A 66 21.24 19.22 5.93
C ALA A 66 22.54 19.57 6.66
N ASP A 67 22.54 20.71 7.34
CA ASP A 67 23.73 21.16 8.05
C ASP A 67 23.90 20.48 9.40
N THR A 68 22.88 20.58 10.25
CA THR A 68 22.97 20.12 11.63
C THR A 68 22.60 18.65 11.78
N LYS A 69 22.08 18.06 10.71
CA LYS A 69 21.66 16.65 10.71
C LYS A 69 20.56 16.39 11.75
N ILE A 70 19.87 17.44 12.17
CA ILE A 70 18.87 17.32 13.22
C ILE A 70 17.46 17.10 12.66
N TRP A 71 16.79 16.08 13.18
CA TRP A 71 15.43 15.77 12.76
C TRP A 71 14.40 16.62 13.49
N ASN A 72 13.48 17.20 12.73
CA ASN A 72 12.38 17.95 13.32
C ASN A 72 11.07 17.19 13.23
N GLY A 73 9.98 17.85 13.61
CA GLY A 73 8.66 17.27 13.52
C GLY A 73 8.46 15.99 14.31
N MET A 74 7.50 15.19 13.86
CA MET A 74 7.14 13.95 14.53
C MET A 74 8.26 12.91 14.50
N VAL A 75 9.05 12.90 13.43
CA VAL A 75 10.17 11.99 13.33
C VAL A 75 11.20 12.29 14.42
N GLY A 76 11.47 13.58 14.63
CA GLY A 76 12.39 14.02 15.66
C GLY A 76 11.92 13.61 17.05
N GLU A 77 10.62 13.72 17.27
CA GLU A 77 10.02 13.34 18.54
C GLU A 77 10.37 11.89 18.91
N LEU A 78 10.30 11.01 17.92
CA LEU A 78 10.65 9.61 18.10
C LEU A 78 12.16 9.41 18.24
N VAL A 79 12.91 10.05 17.36
CA VAL A 79 14.36 9.89 17.32
C VAL A 79 15.04 10.33 18.62
N TYR A 80 14.59 11.45 19.17
CA TYR A 80 15.21 12.02 20.37
C TYR A 80 14.48 11.62 21.65
N GLY A 81 13.51 10.73 21.52
CA GLY A 81 12.88 10.10 22.66
C GLY A 81 11.81 10.91 23.38
N LYS A 82 11.16 11.81 22.65
CA LYS A 82 10.12 12.65 23.25
C LYS A 82 8.77 11.97 23.18
N ALA A 83 8.62 11.05 22.24
CA ALA A 83 7.38 10.30 22.07
C ALA A 83 7.69 8.82 21.86
N ASP A 84 6.75 7.97 22.24
CA ASP A 84 6.93 6.53 22.12
C ASP A 84 6.40 6.00 20.80
N ILE A 85 5.54 6.78 20.15
CA ILE A 85 4.87 6.33 18.94
C ILE A 85 4.22 7.49 18.19
N ALA A 86 4.17 7.37 16.86
CA ALA A 86 3.51 8.38 16.04
C ALA A 86 2.33 7.77 15.29
N ILE A 87 1.15 8.34 15.50
CA ILE A 87 -0.05 7.91 14.80
C ILE A 87 -0.64 9.09 14.04
N ALA A 88 -0.30 9.18 12.76
CA ALA A 88 -0.59 10.36 11.96
C ALA A 88 -0.46 10.02 10.48
N PRO A 89 -0.86 10.93 9.57
CA PRO A 89 -0.57 10.69 8.16
C PRO A 89 0.91 10.86 7.85
N LEU A 90 1.74 10.02 8.46
CA LEU A 90 3.18 10.08 8.28
C LEU A 90 3.62 9.12 7.17
N THR A 91 4.24 9.68 6.13
CA THR A 91 4.60 8.90 4.95
C THR A 91 5.82 8.01 5.15
N ILE A 92 5.68 6.75 4.74
CA ILE A 92 6.79 5.81 4.77
C ILE A 92 7.81 6.11 3.68
N THR A 93 9.03 6.47 4.07
CA THR A 93 10.09 6.77 3.11
C THR A 93 11.41 6.08 3.48
N TYR A 94 12.37 6.15 2.56
CA TYR A 94 13.66 5.49 2.75
C TYR A 94 14.49 6.15 3.86
N VAL A 95 14.62 7.46 3.81
CA VAL A 95 15.42 8.20 4.79
C VAL A 95 14.84 8.11 6.20
N ARG A 96 13.52 7.97 6.29
CA ARG A 96 12.85 7.83 7.59
C ARG A 96 13.01 6.43 8.14
N GLU A 97 12.88 5.43 7.27
CA GLU A 97 13.04 4.04 7.68
C GLU A 97 14.46 3.75 8.16
N GLU A 98 15.39 4.62 7.81
CA GLU A 98 16.78 4.49 8.27
C GLU A 98 16.93 4.87 9.74
N VAL A 99 15.99 5.66 10.26
CA VAL A 99 16.11 6.18 11.62
C VAL A 99 14.95 5.77 12.54
N ILE A 100 13.83 5.38 11.95
CA ILE A 100 12.70 4.90 12.73
C ILE A 100 12.08 3.67 12.07
N ASP A 101 11.17 3.02 12.78
CA ASP A 101 10.44 1.88 12.22
C ASP A 101 9.03 2.28 11.80
N PHE A 102 8.52 1.60 10.77
CA PHE A 102 7.15 1.80 10.34
C PHE A 102 6.41 0.47 10.35
N SER A 103 5.14 0.51 10.71
CA SER A 103 4.29 -0.66 10.55
C SER A 103 3.97 -0.80 9.07
N LYS A 104 3.29 -1.88 8.71
CA LYS A 104 2.74 -2.00 7.37
C LYS A 104 1.76 -0.85 7.18
N PRO A 105 1.65 -0.33 5.95
CA PRO A 105 0.84 0.88 5.71
C PRO A 105 -0.63 0.68 6.06
N PHE A 106 -1.24 1.69 6.67
CA PHE A 106 -2.65 1.60 7.04
C PHE A 106 -3.56 2.33 6.06
N MET A 107 -2.95 3.07 5.15
CA MET A 107 -3.68 3.83 4.14
C MET A 107 -2.79 4.15 2.94
N SER A 108 -3.35 4.09 1.74
CA SER A 108 -2.58 4.35 0.53
CA SER A 108 -2.57 4.35 0.53
C SER A 108 -2.76 5.77 0.02
N LEU A 109 -1.73 6.30 -0.62
CA LEU A 109 -1.79 7.62 -1.23
C LEU A 109 -0.73 7.78 -2.31
N GLY A 110 -0.87 8.85 -3.10
CA GLY A 110 0.13 9.23 -4.06
C GLY A 110 0.16 10.74 -4.11
N ILE A 111 1.25 11.30 -4.61
CA ILE A 111 1.31 12.74 -4.80
C ILE A 111 0.34 13.14 -5.90
N SER A 112 -0.45 14.17 -5.65
CA SER A 112 -1.48 14.58 -6.59
C SER A 112 -1.46 16.09 -6.82
N ILE A 113 -2.24 16.54 -7.80
CA ILE A 113 -2.33 17.95 -8.12
C ILE A 113 -3.70 18.51 -7.77
N MET A 114 -3.70 19.57 -6.96
CA MET A 114 -4.91 20.29 -6.64
C MET A 114 -5.00 21.59 -7.41
N ILE A 115 -6.13 21.81 -8.05
CA ILE A 115 -6.37 23.06 -8.76
C ILE A 115 -7.73 23.63 -8.38
N LYS A 116 -7.89 24.93 -8.62
CA LYS A 116 -9.19 25.55 -8.53
C LYS A 116 -9.95 25.15 -9.79
N LYS A 117 -11.23 24.82 -9.64
CA LYS A 117 -12.05 24.36 -10.75
C LYS A 117 -12.02 25.31 -11.94
N GLY A 118 -11.80 24.74 -13.13
CA GLY A 118 -11.71 25.53 -14.35
C GLY A 118 -10.28 25.80 -14.79
N THR A 119 -9.32 25.51 -13.92
CA THR A 119 -7.91 25.71 -14.23
C THR A 119 -7.48 24.83 -15.40
N PRO A 120 -6.84 25.43 -16.41
CA PRO A 120 -6.40 24.67 -17.59
C PRO A 120 -5.16 23.79 -17.33
N ILE A 121 -5.28 22.86 -16.40
CA ILE A 121 -4.18 21.95 -16.08
C ILE A 121 -4.71 20.55 -15.80
N GLU A 122 -4.14 19.56 -16.48
CA GLU A 122 -4.61 18.19 -16.37
C GLU A 122 -3.49 17.20 -16.03
N SER A 123 -2.27 17.69 -15.88
CA SER A 123 -1.14 16.82 -15.60
C SER A 123 0.08 17.57 -15.06
N ALA A 124 1.01 16.83 -14.48
CA ALA A 124 2.24 17.39 -13.96
C ALA A 124 3.09 17.94 -15.10
N GLU A 125 2.97 17.32 -16.27
CA GLU A 125 3.71 17.77 -17.44
C GLU A 125 3.13 19.09 -17.96
N ASP A 126 1.83 19.26 -17.79
CA ASP A 126 1.18 20.52 -18.12
C ASP A 126 1.73 21.65 -17.28
N LEU A 127 1.90 21.38 -15.99
CA LEU A 127 2.48 22.35 -15.06
C LEU A 127 3.91 22.71 -15.44
N SER A 128 4.70 21.72 -15.82
CA SER A 128 6.12 21.92 -16.13
C SER A 128 6.31 22.70 -17.43
N LYS A 129 5.32 22.65 -18.30
CA LYS A 129 5.42 23.28 -19.63
C LYS A 129 5.12 24.77 -19.59
N GLN A 130 4.39 25.20 -18.58
CA GLN A 130 3.97 26.60 -18.48
C GLN A 130 4.59 27.30 -17.26
N THR A 131 4.42 28.61 -17.19
CA THR A 131 4.87 29.38 -16.04
C THR A 131 3.81 30.36 -15.55
N GLU A 132 2.69 30.44 -16.27
CA GLU A 132 1.60 31.32 -15.90
C GLU A 132 1.04 30.93 -14.54
N ILE A 133 0.89 29.63 -14.33
CA ILE A 133 0.35 29.11 -13.08
C ILE A 133 1.46 28.60 -12.17
N ALA A 134 1.58 29.22 -11.00
CA ALA A 134 2.59 28.83 -10.03
C ALA A 134 2.17 27.56 -9.31
N TYR A 135 3.13 26.86 -8.72
CA TYR A 135 2.85 25.63 -7.99
C TYR A 135 3.93 25.29 -6.96
N GLY A 136 3.51 24.69 -5.85
CA GLY A 136 4.44 24.34 -4.79
C GLY A 136 3.95 23.20 -3.89
N THR A 137 4.68 22.97 -2.80
CA THR A 137 4.37 21.87 -1.89
C THR A 137 4.41 22.31 -0.43
N LEU A 138 4.23 21.35 0.46
CA LEU A 138 4.37 21.57 1.89
C LEU A 138 5.84 21.52 2.27
N ASP A 139 6.22 22.30 3.27
CA ASP A 139 7.59 22.27 3.79
C ASP A 139 7.78 21.07 4.72
N SER A 140 9.03 20.64 4.87
CA SER A 140 9.40 19.62 5.85
C SER A 140 8.59 18.34 5.74
N GLY A 141 8.21 17.97 4.52
CA GLY A 141 7.40 16.78 4.29
C GLY A 141 7.96 15.88 3.21
N SER A 142 7.31 14.73 3.03
CA SER A 142 7.77 13.74 2.08
C SER A 142 7.60 14.19 0.62
N THR A 143 6.60 15.03 0.36
CA THR A 143 6.32 15.49 -0.99
C THR A 143 7.42 16.38 -1.54
N LYS A 144 7.92 17.29 -0.71
CA LYS A 144 8.98 18.20 -1.11
C LYS A 144 10.28 17.43 -1.38
N GLU A 145 10.54 16.43 -0.55
CA GLU A 145 11.73 15.59 -0.71
C GLU A 145 11.65 14.77 -2.00
N PHE A 146 10.42 14.45 -2.42
CA PHE A 146 10.21 13.71 -3.66
C PHE A 146 10.76 14.47 -4.85
N PHE A 147 10.33 15.73 -5.00
CA PHE A 147 10.76 16.56 -6.12
C PHE A 147 12.24 16.92 -6.02
N ARG A 148 12.72 17.15 -4.81
CA ARG A 148 14.13 17.46 -4.60
C ARG A 148 15.03 16.31 -5.06
N ARG A 149 14.58 15.08 -4.84
CA ARG A 149 15.40 13.90 -5.11
C ARG A 149 15.17 13.25 -6.47
N SER A 150 14.06 13.59 -7.11
CA SER A 150 13.66 12.92 -8.35
C SER A 150 14.65 13.11 -9.49
N LYS A 151 14.86 12.04 -10.26
CA LYS A 151 15.74 12.08 -11.42
C LYS A 151 14.93 11.98 -12.70
N ILE A 152 13.61 11.90 -12.54
CA ILE A 152 12.70 11.93 -13.67
C ILE A 152 12.60 13.35 -14.19
N ALA A 153 12.76 13.49 -15.51
CA ALA A 153 12.88 14.79 -16.17
C ALA A 153 11.82 15.82 -15.80
N VAL A 154 10.55 15.44 -15.89
CA VAL A 154 9.45 16.37 -15.60
C VAL A 154 9.45 16.83 -14.15
N PHE A 155 9.72 15.90 -13.24
CA PHE A 155 9.72 16.21 -11.80
C PHE A 155 10.92 17.06 -11.43
N ASP A 156 12.05 16.79 -12.07
CA ASP A 156 13.26 17.57 -11.83
C ASP A 156 13.10 18.98 -12.38
N LYS A 157 12.38 19.10 -13.49
CA LYS A 157 12.09 20.38 -14.10
C LYS A 157 11.20 21.20 -13.17
N MET A 158 10.25 20.53 -12.54
CA MET A 158 9.36 21.16 -11.58
C MET A 158 10.12 21.61 -10.33
N TRP A 159 11.03 20.77 -9.86
CA TRP A 159 11.84 21.11 -8.69
C TRP A 159 12.72 22.31 -8.95
N THR A 160 13.37 22.33 -10.10
CA THR A 160 14.23 23.43 -10.50
C THR A 160 13.47 24.76 -10.48
N TYR A 161 12.21 24.70 -10.91
CA TYR A 161 11.34 25.88 -10.85
C TYR A 161 11.00 26.24 -9.40
N MET A 162 10.50 25.26 -8.66
CA MET A 162 9.96 25.49 -7.33
C MET A 162 10.99 26.00 -6.33
N ARG A 163 12.21 25.46 -6.39
CA ARG A 163 13.23 25.78 -5.40
C ARG A 163 13.71 27.23 -5.44
N SER A 164 13.48 27.91 -6.56
CA SER A 164 13.95 29.28 -6.71
CA SER A 164 13.96 29.28 -6.75
C SER A 164 12.83 30.26 -7.05
N ALA A 165 11.59 29.80 -6.96
CA ALA A 165 10.44 30.65 -7.25
C ALA A 165 10.30 31.78 -6.24
N GLU A 166 9.91 32.95 -6.72
CA GLU A 166 9.76 34.13 -5.87
C GLU A 166 8.44 34.84 -6.16
N PRO A 167 7.60 35.00 -5.13
CA PRO A 167 7.80 34.59 -3.74
C PRO A 167 7.68 33.08 -3.56
N SER A 168 7.94 32.59 -2.35
CA SER A 168 7.99 31.16 -2.08
C SER A 168 6.66 30.47 -2.40
N VAL A 169 6.76 29.36 -3.12
CA VAL A 169 5.59 28.58 -3.49
C VAL A 169 5.36 27.46 -2.48
N PHE A 170 6.20 27.41 -1.45
CA PHE A 170 6.06 26.43 -0.39
C PHE A 170 5.16 27.00 0.72
N VAL A 171 4.43 26.10 1.38
CA VAL A 171 3.56 26.49 2.49
C VAL A 171 3.94 25.71 3.74
N ARG A 172 3.55 26.24 4.90
CA ARG A 172 3.90 25.62 6.18
C ARG A 172 2.88 24.59 6.64
N THR A 173 1.62 24.80 6.23
CA THR A 173 0.56 23.83 6.54
C THR A 173 -0.28 23.52 5.29
N THR A 174 -1.00 22.41 5.33
CA THR A 174 -1.88 22.03 4.23
C THR A 174 -2.95 23.09 4.01
N ALA A 175 -3.52 23.59 5.10
CA ALA A 175 -4.58 24.60 5.02
C ALA A 175 -4.11 25.87 4.29
N GLU A 176 -2.88 26.28 4.57
CA GLU A 176 -2.30 27.42 3.90
C GLU A 176 -2.20 27.18 2.39
N GLY A 177 -1.87 25.94 2.03
CA GLY A 177 -1.78 25.55 0.64
C GLY A 177 -3.13 25.56 -0.06
N VAL A 178 -4.17 25.09 0.64
CA VAL A 178 -5.52 25.04 0.10
C VAL A 178 -6.08 26.44 -0.13
N ALA A 179 -5.89 27.30 0.87
CA ALA A 179 -6.34 28.69 0.79
C ALA A 179 -5.68 29.41 -0.38
N ARG A 180 -4.42 29.07 -0.65
CA ARG A 180 -3.69 29.71 -1.74
C ARG A 180 -4.26 29.31 -3.11
N VAL A 181 -4.72 28.07 -3.24
CA VAL A 181 -5.37 27.62 -4.45
C VAL A 181 -6.68 28.37 -4.66
N ARG A 182 -7.47 28.42 -3.60
CA ARG A 182 -8.80 29.03 -3.64
C ARG A 182 -8.77 30.54 -3.90
N LYS A 183 -7.70 31.20 -3.46
CA LYS A 183 -7.62 32.66 -3.55
C LYS A 183 -6.90 33.19 -4.78
N SER A 184 -6.20 32.31 -5.50
CA SER A 184 -5.32 32.74 -6.58
C SER A 184 -5.97 32.80 -7.96
N LYS A 185 -7.29 32.64 -8.02
CA LYS A 185 -8.03 32.72 -9.28
C LYS A 185 -7.49 31.82 -10.38
N GLY A 186 -6.97 30.65 -10.00
CA GLY A 186 -6.47 29.69 -10.95
C GLY A 186 -4.98 29.84 -11.25
N LYS A 187 -4.31 30.71 -10.51
CA LYS A 187 -2.90 30.98 -10.76
C LYS A 187 -1.97 30.22 -9.80
N TYR A 188 -2.53 29.38 -8.95
CA TYR A 188 -1.73 28.52 -8.09
C TYR A 188 -2.29 27.11 -8.04
N ALA A 189 -1.43 26.13 -8.29
CA ALA A 189 -1.79 24.74 -8.12
C ALA A 189 -0.98 24.19 -6.95
N TYR A 190 -1.59 23.28 -6.19
CA TYR A 190 -0.93 22.76 -4.99
C TYR A 190 -0.65 21.27 -5.10
N LEU A 191 0.61 20.91 -4.85
CA LEU A 191 1.04 19.53 -4.91
C LEU A 191 0.94 18.93 -3.51
N LEU A 192 0.02 17.99 -3.35
CA LEU A 192 -0.22 17.36 -2.06
C LEU A 192 -0.65 15.92 -2.24
N GLU A 193 -0.77 15.21 -1.12
CA GLU A 193 -1.09 13.79 -1.15
C GLU A 193 -2.57 13.56 -1.43
N SER A 194 -2.85 12.54 -2.23
CA SER A 194 -4.19 12.27 -2.74
C SER A 194 -5.25 12.18 -1.65
N THR A 195 -4.87 11.63 -0.50
CA THR A 195 -5.75 11.54 0.65
C THR A 195 -6.27 12.91 1.05
N MET A 196 -5.35 13.87 1.21
CA MET A 196 -5.72 15.23 1.54
C MET A 196 -6.55 15.87 0.44
N ASN A 197 -6.10 15.68 -0.81
CA ASN A 197 -6.76 16.24 -1.96
C ASN A 197 -8.22 15.80 -2.05
N GLU A 198 -8.44 14.51 -1.87
CA GLU A 198 -9.78 13.93 -1.96
C GLU A 198 -10.67 14.40 -0.81
N TYR A 199 -10.08 14.64 0.35
CA TYR A 199 -10.83 15.15 1.49
C TYR A 199 -11.33 16.57 1.24
N ILE A 200 -10.42 17.44 0.81
CA ILE A 200 -10.74 18.83 0.52
C ILE A 200 -11.77 18.94 -0.60
N GLU A 201 -11.67 18.02 -1.57
CA GLU A 201 -12.57 17.99 -2.72
C GLU A 201 -14.04 17.85 -2.27
N GLN A 202 -14.22 17.28 -1.08
CA GLN A 202 -15.56 17.03 -0.55
C GLN A 202 -15.99 18.07 0.49
N ARG A 203 -15.20 19.12 0.65
CA ARG A 203 -15.53 20.18 1.58
C ARG A 203 -15.96 21.45 0.85
N LYS A 204 -16.88 22.20 1.44
CA LYS A 204 -17.29 23.50 0.93
C LYS A 204 -16.09 24.44 0.94
N PRO A 205 -16.03 25.40 0.00
CA PRO A 205 -17.03 25.77 -1.02
C PRO A 205 -17.04 24.87 -2.26
N CYS A 206 -16.39 23.70 -2.19
CA CYS A 206 -16.38 22.75 -3.30
C CYS A 206 -15.84 23.38 -4.58
N ASP A 207 -14.74 24.12 -4.47
CA ASP A 207 -14.21 24.85 -5.60
C ASP A 207 -12.86 24.33 -6.08
N THR A 208 -12.45 23.17 -5.56
CA THR A 208 -11.19 22.57 -5.95
C THR A 208 -11.41 21.18 -6.53
N MET A 209 -10.37 20.63 -7.16
CA MET A 209 -10.43 19.27 -7.68
C MET A 209 -9.05 18.67 -7.92
N LYS A 210 -9.00 17.35 -7.93
CA LYS A 210 -7.79 16.61 -8.25
C LYS A 210 -7.75 16.37 -9.75
N VAL A 211 -6.61 16.64 -10.38
CA VAL A 211 -6.46 16.39 -11.80
C VAL A 211 -5.36 15.38 -12.10
N GLY A 212 -5.58 14.57 -13.13
CA GLY A 212 -4.61 13.58 -13.54
C GLY A 212 -4.42 12.48 -12.52
N GLY A 213 -3.52 11.55 -12.81
CA GLY A 213 -3.23 10.47 -11.91
C GLY A 213 -2.20 10.85 -10.86
N ASN A 214 -1.97 9.95 -9.92
CA ASN A 214 -0.97 10.17 -8.89
C ASN A 214 0.44 10.07 -9.46
N LEU A 215 1.36 10.86 -8.91
CA LEU A 215 2.73 10.91 -9.41
C LEU A 215 3.57 9.74 -8.86
N ASP A 216 3.13 9.20 -7.73
CA ASP A 216 3.77 8.02 -7.15
C ASP A 216 2.79 7.17 -6.34
N SER A 217 3.29 6.10 -5.73
CA SER A 217 2.45 5.18 -4.97
C SER A 217 3.11 4.78 -3.64
N LYS A 218 2.48 5.15 -2.54
CA LYS A 218 3.01 4.84 -1.21
C LYS A 218 1.91 4.76 -0.16
N GLY A 219 2.29 4.90 1.11
CA GLY A 219 1.35 4.77 2.20
C GLY A 219 1.77 5.44 3.49
N TYR A 220 0.82 5.59 4.41
CA TYR A 220 1.10 6.07 5.75
C TYR A 220 1.31 4.87 6.66
N GLY A 221 2.26 4.96 7.58
CA GLY A 221 2.50 3.89 8.53
C GLY A 221 2.63 4.39 9.95
N ILE A 222 2.35 3.52 10.92
CA ILE A 222 2.54 3.87 12.32
CA ILE A 222 2.54 3.86 12.33
C ILE A 222 4.02 3.77 12.67
N ALA A 223 4.57 4.86 13.20
CA ALA A 223 6.00 4.91 13.46
C ALA A 223 6.40 4.76 14.93
N THR A 224 7.46 4.00 15.15
CA THR A 224 8.03 3.82 16.48
C THR A 224 9.53 4.02 16.40
N PRO A 225 10.17 4.36 17.55
CA PRO A 225 11.63 4.43 17.59
C PRO A 225 12.24 3.08 17.25
N LYS A 226 13.47 3.10 16.73
CA LYS A 226 14.13 1.85 16.36
C LYS A 226 14.39 0.98 17.59
N GLY A 227 14.08 -0.30 17.47
CA GLY A 227 14.29 -1.24 18.55
C GLY A 227 13.19 -1.18 19.61
N SER A 228 12.14 -0.43 19.33
CA SER A 228 11.00 -0.35 20.24
C SER A 228 10.32 -1.70 20.35
N SER A 229 9.84 -2.02 21.55
CA SER A 229 9.17 -3.29 21.78
C SER A 229 7.70 -3.22 21.37
N LEU A 230 7.24 -2.02 21.03
CA LEU A 230 5.86 -1.81 20.61
C LEU A 230 5.66 -2.14 19.13
N GLY A 231 6.75 -2.15 18.37
CA GLY A 231 6.70 -2.31 16.93
C GLY A 231 5.93 -3.52 16.43
N ASN A 232 6.22 -4.68 17.01
CA ASN A 232 5.60 -5.93 16.56
C ASN A 232 4.10 -5.99 16.79
N ALA A 233 3.67 -5.65 18.00
CA ALA A 233 2.27 -5.68 18.37
C ALA A 233 1.44 -4.71 17.53
N VAL A 234 1.99 -3.51 17.35
CA VAL A 234 1.34 -2.47 16.55
C VAL A 234 1.16 -2.90 15.10
N ASN A 235 2.22 -3.45 14.52
CA ASN A 235 2.19 -3.93 13.14
C ASN A 235 1.09 -4.98 12.95
N LEU A 236 1.05 -5.94 13.88
CA LEU A 236 0.03 -6.99 13.86
C LEU A 236 -1.37 -6.42 14.03
N ALA A 237 -1.49 -5.39 14.87
CA ALA A 237 -2.77 -4.74 15.11
C ALA A 237 -3.29 -4.05 13.85
N VAL A 238 -2.38 -3.45 13.08
CA VAL A 238 -2.75 -2.78 11.84
C VAL A 238 -3.26 -3.76 10.80
N LEU A 239 -2.58 -4.90 10.70
CA LEU A 239 -2.98 -5.96 9.78
C LEU A 239 -4.34 -6.52 10.13
N LYS A 240 -4.57 -6.74 11.43
CA LYS A 240 -5.83 -7.27 11.91
C LYS A 240 -6.99 -6.34 11.56
N LEU A 241 -6.81 -5.06 11.86
CA LEU A 241 -7.81 -4.05 11.56
C LEU A 241 -8.08 -3.96 10.07
N SER A 242 -7.02 -4.13 9.27
CA SER A 242 -7.12 -4.11 7.82
C SER A 242 -7.99 -5.25 7.32
N GLU A 243 -7.73 -6.44 7.83
CA GLU A 243 -8.42 -7.64 7.35
C GLU A 243 -9.85 -7.74 7.90
N GLN A 244 -10.12 -7.04 8.99
CA GLN A 244 -11.46 -6.99 9.55
C GLN A 244 -12.31 -5.97 8.80
N GLY A 245 -11.67 -5.20 7.93
CA GLY A 245 -12.35 -4.16 7.18
C GLY A 245 -12.50 -2.88 7.99
N LEU A 246 -11.83 -2.83 9.13
CA LEU A 246 -11.96 -1.72 10.05
C LEU A 246 -11.38 -0.44 9.46
N LEU A 247 -10.23 -0.55 8.80
CA LEU A 247 -9.56 0.59 8.21
C LEU A 247 -10.38 1.21 7.08
N ASP A 248 -11.07 0.37 6.31
CA ASP A 248 -11.92 0.86 5.22
C ASP A 248 -13.12 1.63 5.78
N LYS A 249 -13.66 1.14 6.88
CA LYS A 249 -14.80 1.79 7.52
C LYS A 249 -14.39 3.14 8.11
N LEU A 250 -13.19 3.21 8.64
CA LEU A 250 -12.68 4.46 9.21
C LEU A 250 -12.52 5.54 8.14
N LYS A 251 -12.04 5.16 6.97
CA LYS A 251 -11.86 6.14 5.89
C LYS A 251 -13.20 6.65 5.38
N ASN A 252 -14.16 5.74 5.25
CA ASN A 252 -15.52 6.10 4.84
C ASN A 252 -16.14 7.10 5.82
N LYS A 253 -15.94 6.85 7.11
CA LYS A 253 -16.50 7.68 8.16
C LYS A 253 -16.02 9.13 8.11
N TRP A 254 -14.75 9.32 7.78
CA TRP A 254 -14.13 10.65 7.87
C TRP A 254 -13.96 11.36 6.53
N TRP A 255 -14.06 10.61 5.44
CA TRP A 255 -13.91 11.21 4.11
C TRP A 255 -15.25 11.49 3.43
N TYR A 256 -16.11 10.49 3.40
CA TYR A 256 -17.31 10.57 2.57
C TYR A 256 -18.63 10.54 3.32
N ASP A 257 -18.63 9.96 4.53
CA ASP A 257 -19.85 9.89 5.33
C ASP A 257 -20.30 11.27 5.81
N LYS A 258 -19.42 12.26 5.68
CA LYS A 258 -19.75 13.62 6.08
C LYS A 258 -19.38 14.63 4.99
N GLY A 259 -19.25 14.15 3.76
CA GLY A 259 -18.95 14.99 2.62
C GLY A 259 -19.98 16.08 2.42
N GLU A 260 -19.51 17.27 2.05
CA GLU A 260 -20.37 18.44 1.96
C GLU A 260 -20.65 18.88 0.53
N CYS A 261 -20.14 18.14 -0.44
CA CYS A 261 -20.30 18.52 -1.84
C CYS A 261 -21.17 17.53 -2.61
N GLY A 262 -22.27 17.11 -2.00
CA GLY A 262 -23.19 16.17 -2.63
C GLY A 262 -22.72 14.73 -2.55
N LYS B 4 27.20 -19.25 0.78
CA LYS B 4 27.05 -17.81 0.67
C LYS B 4 26.12 -17.47 -0.49
N THR B 5 25.57 -18.49 -1.13
CA THR B 5 24.57 -18.29 -2.18
C THR B 5 23.18 -18.34 -1.57
N VAL B 6 22.44 -17.25 -1.74
CA VAL B 6 21.11 -17.12 -1.15
C VAL B 6 20.06 -17.89 -1.93
N VAL B 7 19.34 -18.78 -1.25
CA VAL B 7 18.30 -19.56 -1.89
C VAL B 7 16.99 -18.79 -1.93
N VAL B 8 16.59 -18.36 -3.12
CA VAL B 8 15.34 -17.66 -3.32
C VAL B 8 14.25 -18.62 -3.75
N THR B 9 13.17 -18.70 -2.97
CA THR B 9 12.00 -19.47 -3.37
C THR B 9 11.00 -18.58 -4.09
N THR B 10 10.42 -19.12 -5.16
CA THR B 10 9.45 -18.38 -5.95
C THR B 10 8.51 -19.35 -6.67
N ILE B 11 7.57 -18.81 -7.43
CA ILE B 11 6.51 -19.61 -8.00
C ILE B 11 6.20 -19.25 -9.46
N LEU B 12 5.91 -20.25 -10.28
CA LEU B 12 5.56 -20.02 -11.66
C LEU B 12 4.19 -19.36 -11.79
N GLU B 13 4.22 -18.05 -12.04
CA GLU B 13 3.00 -17.25 -12.09
C GLU B 13 3.24 -16.05 -13.00
N SER B 14 2.62 -16.07 -14.17
CA SER B 14 2.77 -14.98 -15.13
C SER B 14 2.13 -13.70 -14.59
N PRO B 15 2.77 -12.54 -14.84
CA PRO B 15 4.06 -12.39 -15.50
C PRO B 15 5.19 -12.19 -14.51
N TYR B 16 5.05 -12.75 -13.31
CA TYR B 16 6.05 -12.60 -12.26
C TYR B 16 7.25 -13.52 -12.51
N VAL B 17 6.97 -14.80 -12.68
CA VAL B 17 8.01 -15.77 -13.04
C VAL B 17 7.50 -16.70 -14.12
N MET B 18 8.17 -16.69 -15.27
CA MET B 18 7.78 -17.53 -16.41
C MET B 18 8.99 -18.23 -17.00
N MET B 19 8.75 -19.35 -17.67
CA MET B 19 9.81 -20.06 -18.35
C MET B 19 10.10 -19.38 -19.68
N LYS B 20 11.37 -19.04 -19.91
CA LYS B 20 11.78 -18.47 -21.19
C LYS B 20 11.54 -19.46 -22.31
N LYS B 21 11.43 -18.95 -23.53
CA LYS B 21 11.39 -19.80 -24.71
C LYS B 21 12.74 -20.52 -24.80
N ASN B 22 12.70 -21.80 -25.17
CA ASN B 22 13.90 -22.63 -25.24
C ASN B 22 14.65 -22.72 -23.91
N HIS B 23 13.88 -22.81 -22.81
CA HIS B 23 14.46 -22.90 -21.49
C HIS B 23 15.05 -24.27 -21.24
N GLU B 24 14.66 -25.23 -22.07
CA GLU B 24 15.13 -26.60 -21.93
C GLU B 24 16.64 -26.72 -22.12
N MET B 25 17.23 -25.80 -22.87
CA MET B 25 18.68 -25.79 -23.06
C MET B 25 19.34 -24.69 -22.24
N LEU B 26 18.58 -24.11 -21.31
CA LEU B 26 19.11 -23.10 -20.42
C LEU B 26 19.30 -23.67 -19.02
N GLU B 27 20.01 -22.93 -18.17
CA GLU B 27 20.32 -23.42 -16.83
C GLU B 27 20.32 -22.28 -15.81
N GLY B 28 20.08 -22.65 -14.55
CA GLY B 28 20.12 -21.69 -13.46
C GLY B 28 19.06 -20.61 -13.57
N ASN B 29 19.42 -19.39 -13.17
CA ASN B 29 18.51 -18.27 -13.17
C ASN B 29 18.11 -17.83 -14.57
N GLU B 30 18.92 -18.21 -15.57
CA GLU B 30 18.67 -17.79 -16.94
C GLU B 30 17.47 -18.51 -17.54
N ARG B 31 16.96 -19.50 -16.83
CA ARG B 31 15.78 -20.24 -17.26
C ARG B 31 14.53 -19.38 -17.18
N TYR B 32 14.55 -18.37 -16.34
CA TYR B 32 13.34 -17.62 -16.02
C TYR B 32 13.34 -16.15 -16.45
N GLU B 33 12.15 -15.62 -16.62
CA GLU B 33 11.94 -14.19 -16.87
C GLU B 33 10.64 -13.74 -16.23
N GLY B 34 10.48 -12.43 -16.06
CA GLY B 34 9.28 -11.89 -15.46
C GLY B 34 9.54 -10.77 -14.46
N TYR B 35 8.47 -10.21 -13.92
CA TYR B 35 8.56 -9.13 -12.95
C TYR B 35 9.43 -9.48 -11.74
N CYS B 36 9.16 -10.63 -11.15
CA CYS B 36 9.89 -11.06 -9.94
C CYS B 36 11.32 -11.48 -10.24
N VAL B 37 11.59 -11.89 -11.47
CA VAL B 37 12.96 -12.22 -11.86
C VAL B 37 13.79 -10.95 -11.92
N ASP B 38 13.21 -9.90 -12.50
CA ASP B 38 13.88 -8.60 -12.56
C ASP B 38 14.05 -8.01 -11.18
N LEU B 39 13.01 -8.15 -10.37
CA LEU B 39 13.02 -7.62 -9.01
C LEU B 39 14.13 -8.26 -8.19
N ALA B 40 14.22 -9.58 -8.24
CA ALA B 40 15.25 -10.34 -7.53
C ALA B 40 16.65 -9.85 -7.88
N ALA B 41 16.85 -9.54 -9.16
CA ALA B 41 18.13 -9.05 -9.65
C ALA B 41 18.47 -7.69 -9.04
N GLU B 42 17.47 -6.81 -8.99
CA GLU B 42 17.67 -5.47 -8.46
CA GLU B 42 17.66 -5.47 -8.45
C GLU B 42 17.94 -5.46 -6.95
N ILE B 43 17.25 -6.33 -6.22
CA ILE B 43 17.47 -6.44 -4.78
C ILE B 43 18.86 -7.00 -4.47
N ALA B 44 19.21 -8.09 -5.15
CA ALA B 44 20.49 -8.73 -4.97
C ALA B 44 21.64 -7.76 -5.25
N LYS B 45 21.44 -6.92 -6.26
CA LYS B 45 22.42 -5.90 -6.62
C LYS B 45 22.63 -4.91 -5.48
N HIS B 46 21.54 -4.50 -4.85
CA HIS B 46 21.60 -3.52 -3.76
CA HIS B 46 21.60 -3.52 -3.76
C HIS B 46 22.12 -4.12 -2.46
N CYS B 47 21.64 -5.31 -2.12
CA CYS B 47 22.07 -5.97 -0.89
C CYS B 47 23.41 -6.68 -1.08
N GLY B 48 23.83 -6.80 -2.34
CA GLY B 48 25.12 -7.36 -2.67
C GLY B 48 25.27 -8.84 -2.36
N PHE B 49 24.32 -9.65 -2.81
CA PHE B 49 24.42 -11.10 -2.61
C PHE B 49 24.21 -11.90 -3.90
N LYS B 50 24.86 -13.05 -3.98
CA LYS B 50 24.57 -14.01 -5.03
C LYS B 50 23.32 -14.78 -4.62
N TYR B 51 22.55 -15.23 -5.61
CA TYR B 51 21.31 -15.93 -5.32
C TYR B 51 20.98 -16.98 -6.36
N LYS B 52 20.21 -17.98 -5.95
CA LYS B 52 19.73 -19.01 -6.85
C LYS B 52 18.22 -19.09 -6.80
N LEU B 53 17.58 -18.93 -7.95
CA LEU B 53 16.12 -19.02 -8.02
C LEU B 53 15.68 -20.48 -8.03
N THR B 54 14.77 -20.83 -7.14
CA THR B 54 14.22 -22.16 -7.10
C THR B 54 12.70 -22.09 -7.04
N ILE B 55 12.03 -22.87 -7.88
CA ILE B 55 10.57 -22.92 -7.86
C ILE B 55 10.08 -23.80 -6.73
N VAL B 56 9.14 -23.29 -5.95
CA VAL B 56 8.61 -24.00 -4.80
C VAL B 56 8.07 -25.38 -5.19
N GLY B 57 8.43 -26.38 -4.40
CA GLY B 57 8.15 -27.77 -4.73
C GLY B 57 6.70 -28.13 -5.00
N ASP B 58 5.80 -27.63 -4.17
CA ASP B 58 4.39 -28.00 -4.27
C ASP B 58 3.59 -27.05 -5.17
N GLY B 59 4.22 -25.99 -5.64
CA GLY B 59 3.56 -25.03 -6.50
C GLY B 59 2.49 -24.24 -5.77
N LYS B 60 2.63 -24.12 -4.46
CA LYS B 60 1.66 -23.40 -3.64
C LYS B 60 2.25 -22.13 -3.05
N TYR B 61 1.38 -21.20 -2.66
CA TYR B 61 1.82 -19.94 -2.08
C TYR B 61 2.15 -20.08 -0.61
N GLY B 62 1.27 -20.72 0.15
CA GLY B 62 1.50 -20.92 1.56
C GLY B 62 0.23 -20.89 2.40
N ALA B 63 -0.11 -22.05 2.96
CA ALA B 63 -1.24 -22.16 3.86
C ALA B 63 -0.90 -23.12 4.99
N ARG B 64 -1.45 -22.85 6.17
CA ARG B 64 -1.24 -23.72 7.32
C ARG B 64 -2.36 -24.75 7.40
N ASP B 65 -2.02 -26.01 7.18
CA ASP B 65 -2.98 -27.10 7.27
C ASP B 65 -3.51 -27.19 8.70
N ALA B 66 -4.78 -26.85 8.86
CA ALA B 66 -5.40 -26.79 10.19
C ALA B 66 -5.25 -28.09 10.97
N ASP B 67 -5.23 -29.21 10.26
CA ASP B 67 -5.12 -30.51 10.89
C ASP B 67 -3.75 -30.71 11.52
N THR B 68 -2.69 -30.54 10.72
CA THR B 68 -1.33 -30.80 11.19
C THR B 68 -0.60 -29.55 11.64
N LYS B 69 -1.18 -28.38 11.36
CA LYS B 69 -0.55 -27.09 11.66
C LYS B 69 0.81 -26.96 10.97
N ILE B 70 0.92 -27.60 9.80
CA ILE B 70 2.13 -27.53 8.99
C ILE B 70 1.95 -26.58 7.82
N TRP B 71 2.89 -25.67 7.64
CA TRP B 71 2.85 -24.73 6.51
C TRP B 71 3.34 -25.38 5.22
N ASN B 72 2.63 -25.12 4.13
CA ASN B 72 3.07 -25.56 2.81
C ASN B 72 3.53 -24.38 1.96
N GLY B 73 3.82 -24.65 0.69
CA GLY B 73 4.17 -23.61 -0.24
C GLY B 73 5.43 -22.85 0.13
N MET B 74 5.53 -21.63 -0.40
CA MET B 74 6.70 -20.78 -0.19
C MET B 74 6.89 -20.40 1.28
N VAL B 75 5.79 -20.23 2.00
CA VAL B 75 5.85 -19.89 3.42
C VAL B 75 6.53 -21.00 4.20
N GLY B 76 6.15 -22.24 3.92
CA GLY B 76 6.75 -23.39 4.57
C GLY B 76 8.24 -23.47 4.29
N GLU B 77 8.62 -23.15 3.05
CA GLU B 77 10.03 -23.15 2.66
C GLU B 77 10.85 -22.21 3.53
N LEU B 78 10.28 -21.05 3.86
CA LEU B 78 10.93 -20.09 4.74
C LEU B 78 10.91 -20.58 6.18
N VAL B 79 9.74 -21.04 6.62
CA VAL B 79 9.55 -21.49 8.00
C VAL B 79 10.43 -22.68 8.35
N TYR B 80 10.53 -23.62 7.43
CA TYR B 80 11.25 -24.87 7.70
C TYR B 80 12.69 -24.88 7.16
N GLY B 81 13.16 -23.71 6.73
CA GLY B 81 14.55 -23.52 6.39
C GLY B 81 15.03 -24.05 5.04
N LYS B 82 14.10 -24.18 4.10
CA LYS B 82 14.47 -24.64 2.77
C LYS B 82 14.91 -23.48 1.89
N ALA B 83 14.49 -22.27 2.24
CA ALA B 83 14.84 -21.08 1.48
C ALA B 83 15.16 -19.91 2.42
N ASP B 84 15.90 -18.94 1.90
CA ASP B 84 16.35 -17.81 2.71
C ASP B 84 15.49 -16.58 2.44
N ILE B 85 14.73 -16.62 1.36
CA ILE B 85 13.95 -15.46 0.94
C ILE B 85 12.92 -15.83 -0.12
N ALA B 86 11.73 -15.26 0.00
CA ALA B 86 10.69 -15.46 -1.00
C ALA B 86 10.46 -14.18 -1.80
N ILE B 87 10.73 -14.25 -3.10
CA ILE B 87 10.47 -13.13 -3.99
C ILE B 87 9.42 -13.55 -5.02
N ALA B 88 8.18 -13.16 -4.77
CA ALA B 88 7.03 -13.67 -5.52
C ALA B 88 5.80 -12.85 -5.18
N PRO B 89 4.71 -12.99 -5.97
CA PRO B 89 3.47 -12.31 -5.56
C PRO B 89 2.88 -12.92 -4.29
N LEU B 90 3.60 -12.80 -3.18
CA LEU B 90 3.15 -13.36 -1.91
C LEU B 90 2.45 -12.29 -1.09
N THR B 91 1.16 -12.48 -0.86
CA THR B 91 0.33 -11.48 -0.18
C THR B 91 0.66 -11.34 1.30
N ILE B 92 0.80 -10.09 1.76
CA ILE B 92 1.03 -9.78 3.15
C ILE B 92 -0.23 -10.00 3.98
N THR B 93 -0.19 -10.95 4.91
CA THR B 93 -1.35 -11.24 5.75
C THR B 93 -0.97 -11.37 7.23
N TYR B 94 -1.98 -11.39 8.09
CA TYR B 94 -1.77 -11.45 9.54
C TYR B 94 -1.16 -12.78 9.98
N VAL B 95 -1.76 -13.89 9.56
CA VAL B 95 -1.28 -15.21 9.94
C VAL B 95 0.14 -15.47 9.44
N ARG B 96 0.47 -14.96 8.26
CA ARG B 96 1.81 -15.12 7.69
C ARG B 96 2.82 -14.26 8.43
N GLU B 97 2.46 -13.03 8.73
CA GLU B 97 3.34 -12.11 9.46
C GLU B 97 3.67 -12.63 10.86
N GLU B 98 2.84 -13.55 11.36
CA GLU B 98 3.08 -14.16 12.66
C GLU B 98 4.27 -15.11 12.62
N VAL B 99 4.57 -15.65 11.45
CA VAL B 99 5.60 -16.68 11.33
C VAL B 99 6.77 -16.29 10.43
N ILE B 100 6.55 -15.31 9.55
CA ILE B 100 7.63 -14.80 8.71
C ILE B 100 7.60 -13.28 8.68
N ASP B 101 8.66 -12.68 8.14
CA ASP B 101 8.74 -11.22 8.03
C ASP B 101 8.50 -10.78 6.60
N PHE B 102 7.77 -9.69 6.44
CA PHE B 102 7.53 -9.10 5.13
C PHE B 102 8.20 -7.74 5.04
N SER B 103 8.77 -7.45 3.87
CA SER B 103 9.24 -6.10 3.59
C SER B 103 8.01 -5.21 3.38
N LYS B 104 8.23 -3.92 3.22
CA LYS B 104 7.15 -3.03 2.81
C LYS B 104 6.65 -3.51 1.46
N PRO B 105 5.36 -3.36 1.18
CA PRO B 105 4.80 -3.87 -0.07
C PRO B 105 5.45 -3.26 -1.30
N PHE B 106 5.74 -4.08 -2.30
CA PHE B 106 6.35 -3.58 -3.54
C PHE B 106 5.32 -3.42 -4.65
N MET B 107 4.11 -3.91 -4.41
CA MET B 107 3.02 -3.82 -5.38
C MET B 107 1.67 -3.91 -4.69
N SER B 108 0.70 -3.13 -5.17
CA SER B 108 -0.63 -3.12 -4.59
CA SER B 108 -0.63 -3.12 -4.59
C SER B 108 -1.60 -4.03 -5.34
N LEU B 109 -2.53 -4.62 -4.60
CA LEU B 109 -3.58 -5.44 -5.19
C LEU B 109 -4.80 -5.51 -4.28
N GLY B 110 -5.92 -5.90 -4.87
CA GLY B 110 -7.13 -6.18 -4.12
C GLY B 110 -7.76 -7.42 -4.73
N ILE B 111 -8.54 -8.13 -3.93
CA ILE B 111 -9.29 -9.27 -4.44
C ILE B 111 -10.35 -8.76 -5.42
N SER B 112 -10.36 -9.31 -6.61
CA SER B 112 -11.26 -8.84 -7.66
C SER B 112 -12.02 -9.97 -8.32
N ILE B 113 -13.12 -9.62 -8.97
CA ILE B 113 -13.95 -10.60 -9.66
C ILE B 113 -13.62 -10.60 -11.15
N MET B 114 -13.43 -11.80 -11.70
CA MET B 114 -13.21 -11.94 -13.13
C MET B 114 -14.41 -12.63 -13.78
N ILE B 115 -15.08 -11.93 -14.68
CA ILE B 115 -16.22 -12.49 -15.39
C ILE B 115 -15.95 -12.58 -16.88
N LYS B 116 -16.63 -13.53 -17.52
CA LYS B 116 -16.69 -13.58 -18.97
C LYS B 116 -17.34 -12.27 -19.41
N LYS B 117 -16.82 -11.68 -20.49
CA LYS B 117 -17.36 -10.41 -20.98
C LYS B 117 -18.84 -10.53 -21.31
N GLY B 118 -19.63 -9.60 -20.76
CA GLY B 118 -21.06 -9.58 -20.99
C GLY B 118 -21.88 -10.17 -19.86
N THR B 119 -21.21 -10.91 -18.97
CA THR B 119 -21.86 -11.50 -17.81
C THR B 119 -22.56 -10.44 -16.97
N PRO B 120 -23.84 -10.68 -16.61
CA PRO B 120 -24.65 -9.71 -15.86
C PRO B 120 -24.27 -9.61 -14.39
N ILE B 121 -22.99 -9.44 -14.10
CA ILE B 121 -22.54 -9.24 -12.73
C ILE B 121 -21.80 -7.91 -12.61
N GLU B 122 -22.14 -7.13 -11.59
CA GLU B 122 -21.49 -5.84 -11.38
C GLU B 122 -20.86 -5.73 -10.00
N SER B 123 -21.09 -6.73 -9.15
CA SER B 123 -20.58 -6.68 -7.78
C SER B 123 -20.50 -8.06 -7.12
N ALA B 124 -20.05 -8.06 -5.87
CA ALA B 124 -19.98 -9.29 -5.09
C ALA B 124 -21.34 -9.62 -4.50
N GLU B 125 -22.13 -8.58 -4.24
CA GLU B 125 -23.50 -8.75 -3.78
C GLU B 125 -24.30 -9.49 -4.83
N ASP B 126 -24.08 -9.14 -6.09
CA ASP B 126 -24.75 -9.78 -7.21
C ASP B 126 -24.44 -11.26 -7.26
N LEU B 127 -23.18 -11.62 -6.98
CA LEU B 127 -22.78 -13.02 -6.96
C LEU B 127 -23.44 -13.77 -5.82
N SER B 128 -23.63 -13.09 -4.70
CA SER B 128 -24.20 -13.71 -3.51
C SER B 128 -25.73 -13.73 -3.56
N LYS B 129 -26.28 -13.32 -4.69
CA LYS B 129 -27.73 -13.30 -4.86
C LYS B 129 -28.16 -14.06 -6.11
N GLN B 130 -27.31 -14.97 -6.55
CA GLN B 130 -27.61 -15.80 -7.72
C GLN B 130 -26.91 -17.15 -7.59
N THR B 131 -27.42 -18.14 -8.30
CA THR B 131 -26.83 -19.48 -8.27
C THR B 131 -26.63 -20.03 -9.68
N GLU B 132 -27.09 -19.27 -10.67
CA GLU B 132 -26.89 -19.62 -12.06
C GLU B 132 -25.40 -19.60 -12.37
N ILE B 133 -24.75 -18.51 -11.97
CA ILE B 133 -23.31 -18.35 -12.17
C ILE B 133 -22.55 -18.79 -10.92
N ALA B 134 -21.62 -19.72 -11.11
CA ALA B 134 -20.81 -20.24 -10.01
C ALA B 134 -19.58 -19.37 -9.78
N TYR B 135 -18.88 -19.60 -8.68
CA TYR B 135 -17.64 -18.87 -8.39
C TYR B 135 -16.70 -19.60 -7.43
N GLY B 136 -15.41 -19.33 -7.56
CA GLY B 136 -14.40 -19.99 -6.75
C GLY B 136 -13.07 -19.26 -6.67
N THR B 137 -12.13 -19.82 -5.91
CA THR B 137 -10.83 -19.20 -5.70
C THR B 137 -9.67 -20.19 -5.87
N LEU B 138 -8.46 -19.68 -5.68
CA LEU B 138 -7.27 -20.51 -5.72
C LEU B 138 -7.12 -21.25 -4.39
N ASP B 139 -6.58 -22.47 -4.45
CA ASP B 139 -6.33 -23.23 -3.24
C ASP B 139 -5.06 -22.76 -2.54
N SER B 140 -5.03 -22.92 -1.22
CA SER B 140 -3.83 -22.63 -0.43
C SER B 140 -3.30 -21.22 -0.64
N GLY B 141 -4.21 -20.25 -0.76
CA GLY B 141 -3.83 -18.87 -0.99
C GLY B 141 -4.52 -17.91 -0.04
N SER B 142 -4.18 -16.63 -0.14
CA SER B 142 -4.71 -15.60 0.75
C SER B 142 -6.15 -15.24 0.40
N THR B 143 -6.54 -15.41 -0.86
CA THR B 143 -7.89 -15.10 -1.30
C THR B 143 -8.91 -16.05 -0.66
N LYS B 144 -8.58 -17.34 -0.66
CA LYS B 144 -9.45 -18.34 -0.07
C LYS B 144 -9.60 -18.13 1.44
N GLU B 145 -8.51 -17.74 2.08
CA GLU B 145 -8.51 -17.46 3.51
C GLU B 145 -9.30 -16.20 3.85
N PHE B 146 -9.38 -15.28 2.88
CA PHE B 146 -10.15 -14.05 3.06
C PHE B 146 -11.62 -14.36 3.28
N PHE B 147 -12.19 -15.19 2.41
CA PHE B 147 -13.60 -15.53 2.47
C PHE B 147 -13.92 -16.43 3.67
N ARG B 148 -13.02 -17.34 3.98
CA ARG B 148 -13.19 -18.24 5.11
C ARG B 148 -13.29 -17.44 6.41
N ARG B 149 -12.52 -16.36 6.49
CA ARG B 149 -12.42 -15.57 7.72
C ARG B 149 -13.35 -14.37 7.78
N SER B 150 -13.81 -13.91 6.62
CA SER B 150 -14.61 -12.70 6.56
C SER B 150 -15.91 -12.79 7.35
N LYS B 151 -16.09 -11.88 8.30
CA LYS B 151 -17.31 -11.81 9.08
C LYS B 151 -18.22 -10.73 8.53
N ILE B 152 -17.97 -10.35 7.28
CA ILE B 152 -18.80 -9.39 6.57
C ILE B 152 -19.93 -10.14 5.86
N ALA B 153 -21.11 -9.52 5.83
CA ALA B 153 -22.34 -10.15 5.33
C ALA B 153 -22.21 -10.86 3.98
N VAL B 154 -21.90 -10.10 2.94
CA VAL B 154 -21.83 -10.64 1.59
C VAL B 154 -20.78 -11.73 1.46
N PHE B 155 -19.59 -11.46 2.00
CA PHE B 155 -18.45 -12.36 1.87
C PHE B 155 -18.65 -13.69 2.60
N ASP B 156 -19.37 -13.65 3.72
CA ASP B 156 -19.63 -14.87 4.48
C ASP B 156 -20.58 -15.77 3.71
N LYS B 157 -21.58 -15.17 3.08
CA LYS B 157 -22.54 -15.92 2.26
C LYS B 157 -21.83 -16.57 1.08
N MET B 158 -20.95 -15.82 0.44
CA MET B 158 -20.19 -16.32 -0.70
C MET B 158 -19.29 -17.49 -0.29
N TRP B 159 -18.74 -17.43 0.91
CA TRP B 159 -17.88 -18.50 1.41
C TRP B 159 -18.67 -19.78 1.69
N THR B 160 -19.81 -19.63 2.34
CA THR B 160 -20.64 -20.78 2.72
C THR B 160 -21.11 -21.55 1.49
N TYR B 161 -21.34 -20.84 0.40
CA TYR B 161 -21.63 -21.50 -0.87
C TYR B 161 -20.38 -22.19 -1.40
N MET B 162 -19.24 -21.51 -1.33
CA MET B 162 -18.01 -21.97 -1.96
C MET B 162 -17.41 -23.21 -1.30
N ARG B 163 -17.50 -23.29 0.03
CA ARG B 163 -16.85 -24.38 0.76
C ARG B 163 -17.50 -25.74 0.51
N SER B 164 -18.76 -25.74 0.10
CA SER B 164 -19.50 -26.98 -0.10
C SER B 164 -19.80 -27.26 -1.57
N ALA B 165 -19.37 -26.36 -2.45
CA ALA B 165 -19.70 -26.44 -3.88
C ALA B 165 -19.31 -27.76 -4.52
N GLU B 166 -20.22 -28.31 -5.32
CA GLU B 166 -19.97 -29.57 -6.01
C GLU B 166 -20.27 -29.47 -7.51
N PRO B 167 -19.26 -29.77 -8.35
CA PRO B 167 -17.90 -30.13 -7.92
C PRO B 167 -17.09 -28.92 -7.44
N SER B 168 -15.84 -29.18 -7.04
CA SER B 168 -14.99 -28.15 -6.44
C SER B 168 -14.81 -26.92 -7.32
N VAL B 169 -15.07 -25.75 -6.75
CA VAL B 169 -14.87 -24.48 -7.44
C VAL B 169 -13.46 -23.98 -7.26
N PHE B 170 -12.64 -24.75 -6.55
CA PHE B 170 -11.27 -24.35 -6.25
C PHE B 170 -10.27 -24.98 -7.22
N VAL B 171 -9.23 -24.23 -7.55
CA VAL B 171 -8.24 -24.66 -8.52
C VAL B 171 -6.83 -24.67 -7.92
N ARG B 172 -5.95 -25.46 -8.52
CA ARG B 172 -4.56 -25.53 -8.06
C ARG B 172 -3.72 -24.38 -8.59
N THR B 173 -4.06 -23.92 -9.79
CA THR B 173 -3.30 -22.83 -10.42
C THR B 173 -4.21 -21.70 -10.87
N THR B 174 -3.64 -20.51 -11.02
CA THR B 174 -4.38 -19.35 -11.50
C THR B 174 -4.86 -19.59 -12.93
N ALA B 175 -3.97 -20.16 -13.75
CA ALA B 175 -4.29 -20.48 -15.14
C ALA B 175 -5.51 -21.38 -15.24
N GLU B 176 -5.67 -22.25 -14.26
CA GLU B 176 -6.78 -23.19 -14.22
C GLU B 176 -8.11 -22.47 -14.03
N GLY B 177 -8.09 -21.43 -13.20
CA GLY B 177 -9.29 -20.65 -12.94
C GLY B 177 -9.66 -19.76 -14.11
N VAL B 178 -8.64 -19.31 -14.84
CA VAL B 178 -8.84 -18.46 -16.00
C VAL B 178 -9.66 -19.17 -17.06
N ALA B 179 -9.29 -20.42 -17.33
CA ALA B 179 -9.95 -21.23 -18.35
C ALA B 179 -11.43 -21.46 -18.04
N ARG B 180 -11.75 -21.63 -16.76
CA ARG B 180 -13.13 -21.94 -16.36
C ARG B 180 -14.07 -20.78 -16.63
N VAL B 181 -13.58 -19.56 -16.43
CA VAL B 181 -14.37 -18.37 -16.76
C VAL B 181 -14.66 -18.35 -18.26
N ARG B 182 -13.66 -18.74 -19.04
CA ARG B 182 -13.76 -18.73 -20.50
C ARG B 182 -14.65 -19.84 -21.03
N LYS B 183 -14.48 -21.05 -20.49
CA LYS B 183 -15.25 -22.21 -20.96
C LYS B 183 -16.72 -22.13 -20.55
N SER B 184 -16.96 -21.67 -19.33
CA SER B 184 -18.29 -21.78 -18.73
C SER B 184 -19.31 -20.75 -19.22
N LYS B 185 -19.00 -20.09 -20.34
CA LYS B 185 -19.97 -19.25 -21.04
C LYS B 185 -20.66 -18.21 -20.16
N GLY B 186 -19.98 -17.78 -19.10
CA GLY B 186 -20.54 -16.78 -18.20
C GLY B 186 -21.22 -17.41 -17.00
N LYS B 187 -20.93 -18.68 -16.74
CA LYS B 187 -21.52 -19.39 -15.60
C LYS B 187 -20.52 -19.53 -14.46
N TYR B 188 -19.31 -19.01 -14.66
CA TYR B 188 -18.28 -19.07 -13.63
C TYR B 188 -17.51 -17.77 -13.51
N ALA B 189 -17.48 -17.22 -12.30
CA ALA B 189 -16.69 -16.02 -12.02
C ALA B 189 -15.50 -16.40 -11.14
N TYR B 190 -14.30 -16.04 -11.57
CA TYR B 190 -13.11 -16.38 -10.81
C TYR B 190 -12.73 -15.25 -9.86
N LEU B 191 -12.51 -15.60 -8.60
CA LEU B 191 -12.06 -14.65 -7.60
C LEU B 191 -10.55 -14.70 -7.50
N LEU B 192 -9.90 -13.65 -7.97
CA LEU B 192 -8.45 -13.58 -7.94
C LEU B 192 -7.98 -12.15 -7.72
N GLU B 193 -6.67 -11.98 -7.57
CA GLU B 193 -6.10 -10.70 -7.25
C GLU B 193 -5.99 -9.79 -8.48
N SER B 194 -6.29 -8.51 -8.28
CA SER B 194 -6.42 -7.54 -9.37
C SER B 194 -5.22 -7.49 -10.31
N THR B 195 -4.04 -7.78 -9.77
CA THR B 195 -2.82 -7.81 -10.57
C THR B 195 -2.90 -8.86 -11.67
N MET B 196 -3.23 -10.09 -11.29
CA MET B 196 -3.39 -11.16 -12.28
C MET B 196 -4.57 -10.88 -13.20
N ASN B 197 -5.64 -10.32 -12.63
CA ASN B 197 -6.84 -10.00 -13.40
C ASN B 197 -6.55 -8.95 -14.46
N GLU B 198 -5.88 -7.88 -14.06
CA GLU B 198 -5.51 -6.82 -14.99
C GLU B 198 -4.55 -7.32 -16.06
N TYR B 199 -3.71 -8.27 -15.70
CA TYR B 199 -2.77 -8.86 -16.66
C TYR B 199 -3.51 -9.65 -17.74
N ILE B 200 -4.44 -10.50 -17.30
CA ILE B 200 -5.23 -11.31 -18.22
C ILE B 200 -6.12 -10.45 -19.11
N GLU B 201 -6.63 -9.35 -18.56
CA GLU B 201 -7.50 -8.44 -19.28
C GLU B 201 -6.85 -7.89 -20.56
N GLN B 202 -5.52 -7.84 -20.56
CA GLN B 202 -4.78 -7.27 -21.68
C GLN B 202 -4.40 -8.32 -22.72
N ARG B 203 -4.44 -9.59 -22.33
CA ARG B 203 -3.97 -10.66 -23.20
C ARG B 203 -5.09 -11.31 -24.00
N LYS B 204 -4.74 -11.85 -25.16
CA LYS B 204 -5.69 -12.57 -26.00
C LYS B 204 -6.26 -13.77 -25.25
N PRO B 205 -7.52 -14.13 -25.54
CA PRO B 205 -8.39 -13.56 -26.57
C PRO B 205 -9.20 -12.34 -26.10
N CYS B 206 -8.74 -11.68 -25.03
CA CYS B 206 -9.36 -10.48 -24.51
C CYS B 206 -10.87 -10.62 -24.31
N ASP B 207 -11.28 -11.66 -23.60
CA ASP B 207 -12.69 -11.95 -23.42
C ASP B 207 -13.10 -11.87 -21.96
N THR B 208 -12.14 -11.58 -21.09
CA THR B 208 -12.41 -11.47 -19.67
C THR B 208 -12.50 -10.01 -19.26
N MET B 209 -13.11 -9.76 -18.10
CA MET B 209 -13.31 -8.39 -17.64
C MET B 209 -13.27 -8.27 -16.12
N LYS B 210 -12.48 -7.32 -15.64
CA LYS B 210 -12.47 -6.98 -14.22
C LYS B 210 -13.74 -6.20 -13.90
N VAL B 211 -14.50 -6.69 -12.94
CA VAL B 211 -15.82 -6.12 -12.68
C VAL B 211 -15.96 -5.59 -11.25
N GLY B 212 -16.47 -4.38 -11.13
CA GLY B 212 -16.69 -3.77 -9.83
C GLY B 212 -15.39 -3.36 -9.19
N GLY B 213 -15.47 -2.90 -7.94
CA GLY B 213 -14.28 -2.51 -7.21
C GLY B 213 -13.64 -3.70 -6.53
N ASN B 214 -12.43 -3.51 -6.02
CA ASN B 214 -11.76 -4.56 -5.28
C ASN B 214 -12.44 -4.77 -3.94
N LEU B 215 -12.39 -6.00 -3.44
CA LEU B 215 -13.07 -6.31 -2.18
C LEU B 215 -12.22 -5.90 -0.98
N ASP B 216 -10.91 -5.92 -1.15
CA ASP B 216 -10.01 -5.44 -0.10
C ASP B 216 -8.82 -4.68 -0.68
N SER B 217 -7.96 -4.17 0.20
CA SER B 217 -6.78 -3.43 -0.22
C SER B 217 -5.55 -3.95 0.50
N LYS B 218 -4.57 -4.44 -0.26
CA LYS B 218 -3.36 -5.00 0.31
C LYS B 218 -2.20 -4.98 -0.68
N GLY B 219 -1.15 -5.74 -0.38
CA GLY B 219 0.04 -5.73 -1.21
C GLY B 219 0.88 -7.01 -1.12
N TYR B 220 1.78 -7.16 -2.08
CA TYR B 220 2.76 -8.24 -2.07
C TYR B 220 4.01 -7.74 -1.36
N GLY B 221 4.66 -8.60 -0.60
CA GLY B 221 5.88 -8.23 0.08
C GLY B 221 6.96 -9.30 -0.04
N ILE B 222 8.21 -8.88 -0.01
CA ILE B 222 9.31 -9.83 0.00
CA ILE B 222 9.34 -9.81 -0.01
C ILE B 222 9.44 -10.45 1.38
N ALA B 223 9.47 -11.77 1.43
CA ALA B 223 9.46 -12.46 2.71
C ALA B 223 10.79 -13.12 3.10
N THR B 224 11.10 -13.05 4.39
CA THR B 224 12.27 -13.68 4.95
C THR B 224 11.86 -14.48 6.18
N PRO B 225 12.66 -15.47 6.57
CA PRO B 225 12.41 -16.17 7.83
C PRO B 225 12.49 -15.18 8.99
N LYS B 226 11.72 -15.39 10.04
CA LYS B 226 11.73 -14.47 11.17
C LYS B 226 13.12 -14.37 11.80
N GLY B 227 13.56 -13.15 12.05
CA GLY B 227 14.87 -12.91 12.60
C GLY B 227 16.00 -13.13 11.61
N SER B 228 15.69 -12.92 10.33
CA SER B 228 16.71 -13.04 9.29
C SER B 228 17.52 -11.76 9.20
N SER B 229 18.83 -11.90 9.02
CA SER B 229 19.72 -10.75 8.90
C SER B 229 19.51 -10.04 7.57
N LEU B 230 18.84 -10.74 6.65
CA LEU B 230 18.61 -10.23 5.31
C LEU B 230 17.45 -9.24 5.27
N GLY B 231 16.55 -9.36 6.25
CA GLY B 231 15.33 -8.59 6.29
C GLY B 231 15.46 -7.09 6.15
N ASN B 232 16.36 -6.48 6.92
CA ASN B 232 16.51 -5.03 6.93
C ASN B 232 17.01 -4.47 5.60
N ALA B 233 18.05 -5.08 5.06
CA ALA B 233 18.65 -4.64 3.81
C ALA B 233 17.68 -4.76 2.62
N VAL B 234 16.87 -5.81 2.64
CA VAL B 234 15.89 -6.04 1.59
C VAL B 234 14.77 -4.99 1.65
N ASN B 235 14.31 -4.69 2.86
CA ASN B 235 13.26 -3.69 3.04
C ASN B 235 13.71 -2.32 2.55
N LEU B 236 14.95 -1.96 2.87
CA LEU B 236 15.52 -0.69 2.41
C LEU B 236 15.69 -0.67 0.91
N ALA B 237 16.00 -1.83 0.33
CA ALA B 237 16.17 -1.96 -1.11
C ALA B 237 14.84 -1.70 -1.83
N VAL B 238 13.77 -2.30 -1.32
CA VAL B 238 12.43 -2.13 -1.89
C VAL B 238 12.01 -0.66 -1.88
N LEU B 239 12.24 0.00 -0.75
CA LEU B 239 11.91 1.41 -0.60
C LEU B 239 12.71 2.27 -1.59
N LYS B 240 13.99 1.94 -1.74
CA LYS B 240 14.85 2.67 -2.66
C LYS B 240 14.36 2.53 -4.10
N LEU B 241 14.02 1.31 -4.48
CA LEU B 241 13.53 1.03 -5.83
C LEU B 241 12.22 1.73 -6.09
N SER B 242 11.36 1.79 -5.08
CA SER B 242 10.09 2.49 -5.16
C SER B 242 10.30 3.98 -5.42
N GLU B 243 11.17 4.59 -4.62
CA GLU B 243 11.39 6.03 -4.69
C GLU B 243 12.17 6.45 -5.92
N GLN B 244 12.86 5.50 -6.54
CA GLN B 244 13.56 5.76 -7.79
C GLN B 244 12.62 5.55 -8.97
N GLY B 245 11.42 5.07 -8.68
CA GLY B 245 10.40 4.84 -9.69
C GLY B 245 10.64 3.57 -10.49
N LEU B 246 11.51 2.70 -9.99
CA LEU B 246 11.86 1.48 -10.70
C LEU B 246 10.78 0.40 -10.59
N LEU B 247 10.01 0.45 -9.50
CA LEU B 247 8.91 -0.50 -9.33
C LEU B 247 7.80 -0.21 -10.33
N ASP B 248 7.58 1.08 -10.60
CA ASP B 248 6.58 1.49 -11.57
C ASP B 248 6.96 1.09 -12.99
N LYS B 249 8.23 1.26 -13.31
CA LYS B 249 8.73 0.90 -14.65
C LYS B 249 8.68 -0.61 -14.89
N LEU B 250 8.93 -1.39 -13.84
CA LEU B 250 8.83 -2.84 -13.95
C LEU B 250 7.38 -3.28 -14.18
N LYS B 251 6.45 -2.63 -13.49
CA LYS B 251 5.03 -2.93 -13.65
C LYS B 251 4.59 -2.62 -15.08
N ASN B 252 4.94 -1.44 -15.56
CA ASN B 252 4.65 -1.03 -16.93
C ASN B 252 5.23 -2.00 -17.94
N LYS B 253 6.46 -2.44 -17.68
CA LYS B 253 7.19 -3.32 -18.60
C LYS B 253 6.52 -4.69 -18.77
N TRP B 254 6.08 -5.29 -17.66
CA TRP B 254 5.51 -6.63 -17.71
C TRP B 254 3.99 -6.64 -17.85
N TRP B 255 3.37 -5.48 -17.65
CA TRP B 255 1.94 -5.32 -17.93
C TRP B 255 1.77 -4.47 -19.19
N TYR B 256 2.84 -4.40 -19.98
CA TYR B 256 2.86 -3.60 -21.20
C TYR B 256 1.88 -4.16 -22.22
N ASP B 257 0.93 -3.32 -22.61
CA ASP B 257 -0.11 -3.73 -23.55
C ASP B 257 0.35 -3.54 -24.99
C1 4V6 C . 2.42 1.68 0.56
C2 4V6 C . 3.74 1.55 0.13
C3 4V6 C . 4.07 1.15 -1.20
C4 4V6 C . 2.98 0.88 -2.09
C5 4V6 C . 1.65 1.01 -1.65
C6 4V6 C . 1.37 1.40 -0.34
S1 4V6 C . 5.03 1.92 1.31
N1 4V6 C . 6.41 1.93 0.29
C7 4V6 C . 6.43 0.79 -0.62
N2 4V6 C . 5.40 1.02 -1.64
CL1 4V6 C . -0.25 1.57 0.22
C8 4V6 C . 5.61 0.76 -3.07
C9 4V6 C . 7.84 0.43 -1.17
C10 4V6 C . 6.83 3.24 -0.25
O1 4V6 C . 4.87 3.27 1.85
O2 4V6 C . 5.17 0.77 2.23
N GLU D . 2.55 12.94 4.77
CA GLU D . 3.68 13.83 4.44
C GLU D . 4.85 13.38 5.31
O GLU D . 5.92 14.00 5.20
CB GLU D . 3.33 15.29 4.70
CG GLU D . 2.34 15.81 3.65
CD GLU D . 3.10 16.17 2.37
OE1 GLU D . 2.42 16.37 1.34
OE2 GLU D . 4.36 16.24 2.44
OXT GLU D . 4.64 12.41 6.07
S SO4 E . 12.61 21.01 3.82
O1 SO4 E . 13.29 21.82 2.81
O2 SO4 E . 11.43 21.74 4.31
O3 SO4 E . 13.51 20.76 4.94
O4 SO4 E . 12.19 19.74 3.24
S SO4 F . -0.71 -4.16 3.67
O1 SO4 F . -1.54 -2.98 3.49
O2 SO4 F . -1.02 -5.16 2.67
O3 SO4 F . -0.93 -4.72 5.00
O4 SO4 F . 0.70 -3.79 3.54
S SO4 G . 4.99 1.64 0.93
O1 SO4 G . 5.80 1.28 -0.24
O2 SO4 G . 3.59 1.39 0.65
O3 SO4 G . 5.18 3.05 1.27
O4 SO4 G . 5.40 0.83 2.07
C1 4V6 H . -0.38 -2.97 1.09
C2 4V6 H . -0.92 -3.19 2.37
C3 4V6 H . -1.96 -2.37 2.89
C4 4V6 H . -2.44 -1.31 2.07
C5 4V6 H . -1.91 -1.11 0.79
C6 4V6 H . -0.88 -1.93 0.30
S1 4V6 H . -0.26 -4.53 3.34
N1 4V6 H . -1.43 -4.64 4.60
C7 4V6 H . -1.71 -3.31 5.17
N2 4V6 H . -2.51 -2.58 4.17
CL1 4V6 H . -0.22 -1.66 -1.26
C8 4V6 H . -3.80 -1.95 4.49
C9 4V6 H . -2.28 -3.36 6.60
C10 4V6 H . -2.58 -5.55 4.39
O1 4V6 H . -0.31 -5.79 2.59
O2 4V6 H . 1.00 -4.07 3.95
N GLU I . -0.87 -14.01 -3.64
CA GLU I . -1.76 -15.02 -3.04
C GLU I . -1.02 -15.55 -1.80
O GLU I . -1.55 -16.50 -1.20
CB GLU I . -2.06 -16.15 -4.02
CG GLU I . -3.06 -15.67 -5.07
CD GLU I . -4.48 -15.86 -4.53
OE1 GLU I . -5.42 -15.40 -5.22
OE2 GLU I . -4.59 -16.45 -3.44
OXT GLU I . 0.04 -14.98 -1.51
S SO4 J . -6.58 -24.22 2.01
O1 SO4 J . -6.69 -22.79 2.29
O2 SO4 J . -6.37 -24.43 0.59
O3 SO4 J . -7.83 -24.88 2.42
O4 SO4 J . -5.46 -24.78 2.77
S SO4 K . 14.16 -27.61 -15.48
O1 SO4 K . 13.12 -26.64 -15.80
O2 SO4 K . 14.35 -28.51 -16.61
O3 SO4 K . 15.41 -26.92 -15.20
O4 SO4 K . 13.76 -28.39 -14.31
C1 EDO L . 19.48 -1.45 0.31
O1 EDO L . 19.78 -1.62 1.69
C2 EDO L . 19.39 0.03 -0.01
O2 EDO L . 20.30 0.35 -1.07
C1 EDO M . 1.78 4.95 -10.11
O1 EDO M . 2.80 4.65 -9.15
C2 EDO M . 2.02 6.35 -10.68
O2 EDO M . 3.26 6.38 -11.39
C1 EDO N . 7.58 -7.20 9.99
O1 EDO N . 7.57 -8.17 8.94
C2 EDO N . 8.86 -6.39 9.93
O2 EDO N . 8.95 -5.76 8.65
C1 EDO O . -11.09 -0.90 -1.00
O1 EDO O . -10.70 -2.22 -0.63
C2 EDO O . -12.61 -0.78 -0.92
O2 EDO O . -13.04 -1.10 0.41
C1 EDO P . -13.27 -24.94 5.49
O1 EDO P . -12.14 -25.69 5.01
C2 EDO P . -12.88 -24.20 6.77
O2 EDO P . -14.02 -23.51 7.29
#